data_9L31
#
_entry.id   9L31
#
_cell.length_a   41.948
_cell.length_b   41.199
_cell.length_c   72.246
_cell.angle_alpha   90.00
_cell.angle_beta   104.32
_cell.angle_gamma   90.00
#
_symmetry.space_group_name_H-M   'P 1 21 1'
#
loop_
_entity.id
_entity.type
_entity.pdbx_description
1 polymer 'Carbonic anhydrase 2'
2 non-polymer 'ZINC ION'
3 non-polymer '2-(3-NITROPHENYL)ACETIC ACID'
4 water water
#
_entity_poly.entity_id   1
_entity_poly.type   'polypeptide(L)'
_entity_poly.pdbx_seq_one_letter_code
;MSHHWGYGKHNGPEHWHKDFPIAKGERQSPVDIDTHTAKYDPSLKPLSVSYDQATSLRILNNGHAFNVEFDDSQDKAVLK
GGPLDGTYRLIQFHFHWGSLDGQGSEHTVDKKKYAAELHLVHWNTKYGDFGKAVQQPDGLAVLGIFLKVGSAKPGLQKVV
DVLDSIKTKGKSADFTNFDPRGLLPESLDYWTYPGSLTTPPLLECVTWIVLKEPISVSSEQVLKFRKLNFNGEGEPEELM
VDNWRPAQPLKNRQIKASFK
;
_entity_poly.pdbx_strand_id   A
#
loop_
_chem_comp.id
_chem_comp.type
_chem_comp.name
_chem_comp.formula
MNP non-polymer '2-(3-NITROPHENYL)ACETIC ACID' 'C8 H7 N O4'
ZN non-polymer 'ZINC ION' 'Zn 2'
#
# COMPACT_ATOMS: atom_id res chain seq x y z
N HIS A 4 4.76 -21.00 5.80
CA HIS A 4 3.72 -19.98 5.53
C HIS A 4 4.17 -19.11 4.41
N TRP A 5 3.28 -18.36 3.88
CA TRP A 5 3.55 -17.53 2.70
C TRP A 5 4.60 -16.45 2.96
N GLY A 6 5.26 -16.04 1.89
CA GLY A 6 6.22 -14.92 2.00
C GLY A 6 6.54 -14.45 0.57
N TYR A 7 7.78 -14.04 0.42
CA TYR A 7 8.24 -13.53 -0.87
C TYR A 7 9.43 -14.22 -1.56
N GLY A 8 9.75 -15.37 -1.00
CA GLY A 8 10.82 -16.26 -1.65
C GLY A 8 10.48 -17.16 -2.79
N LYS A 9 11.53 -17.89 -3.11
CA LYS A 9 11.44 -18.86 -4.21
C LYS A 9 10.43 -19.91 -3.90
N HIS A 10 10.38 -20.27 -2.59
CA HIS A 10 9.62 -21.40 -2.23
C HIS A 10 8.32 -21.04 -1.67
N ASN A 11 8.10 -19.75 -1.34
CA ASN A 11 6.85 -19.40 -0.71
C ASN A 11 6.24 -18.08 -1.22
N GLY A 12 6.73 -17.63 -2.36
CA GLY A 12 6.37 -16.31 -2.81
C GLY A 12 5.09 -16.33 -3.61
N PRO A 13 4.80 -15.18 -4.28
CA PRO A 13 3.55 -14.99 -4.95
C PRO A 13 3.04 -16.07 -5.86
N GLU A 14 4.00 -16.74 -6.48
N GLU A 14 3.90 -16.77 -6.62
CA GLU A 14 3.68 -17.74 -7.44
CA GLU A 14 3.42 -17.87 -7.53
C GLU A 14 3.15 -19.02 -6.76
C GLU A 14 2.95 -19.07 -6.73
N HIS A 15 3.28 -19.13 -5.43
CA HIS A 15 2.80 -20.23 -4.62
C HIS A 15 1.52 -19.96 -3.83
N TRP A 16 1.15 -18.68 -3.73
CA TRP A 16 0.06 -18.29 -2.83
C TRP A 16 -1.27 -18.97 -3.14
N HIS A 17 -1.51 -19.26 -4.40
CA HIS A 17 -2.78 -19.86 -4.79
C HIS A 17 -3.06 -21.19 -4.08
N LYS A 18 -2.02 -21.89 -3.68
CA LYS A 18 -2.27 -23.24 -3.04
C LYS A 18 -2.97 -23.07 -1.71
N ASP A 19 -2.58 -22.11 -0.90
CA ASP A 19 -3.32 -21.87 0.33
C ASP A 19 -4.51 -20.87 0.22
N PHE A 20 -4.48 -20.04 -0.83
CA PHE A 20 -5.44 -19.00 -1.06
C PHE A 20 -5.85 -19.00 -2.51
N PRO A 21 -6.75 -19.92 -2.89
CA PRO A 21 -7.10 -20.11 -4.29
C PRO A 21 -7.68 -18.87 -4.97
N ILE A 22 -8.20 -17.93 -4.18
N ILE A 22 -8.22 -17.91 -4.23
CA ILE A 22 -8.67 -16.65 -4.70
CA ILE A 22 -8.71 -16.65 -4.83
C ILE A 22 -7.54 -15.87 -5.38
C ILE A 22 -7.55 -15.90 -5.50
N ALA A 23 -6.30 -16.26 -5.21
CA ALA A 23 -5.16 -15.70 -5.92
C ALA A 23 -5.34 -15.71 -7.41
N LYS A 24 -6.11 -16.65 -7.94
CA LYS A 24 -6.40 -16.77 -9.36
C LYS A 24 -7.77 -16.28 -9.68
N GLY A 25 -8.32 -15.38 -8.85
CA GLY A 25 -9.69 -14.90 -9.00
C GLY A 25 -9.81 -13.83 -10.10
N GLU A 26 -11.03 -13.28 -10.10
CA GLU A 26 -11.42 -12.36 -11.19
C GLU A 26 -11.11 -10.94 -10.90
N ARG A 27 -10.75 -10.62 -9.65
CA ARG A 27 -10.52 -9.20 -9.30
C ARG A 27 -9.28 -9.07 -8.39
N GLN A 28 -8.19 -9.64 -8.84
CA GLN A 28 -6.93 -9.61 -8.07
C GLN A 28 -6.16 -8.35 -8.38
N SER A 29 -5.35 -7.99 -7.37
CA SER A 29 -4.45 -6.83 -7.39
C SER A 29 -3.07 -7.23 -7.05
N PRO A 30 -2.04 -6.50 -7.44
CA PRO A 30 -2.13 -5.26 -8.25
C PRO A 30 -2.36 -5.61 -9.72
N VAL A 31 -2.39 -4.56 -10.56
CA VAL A 31 -2.52 -4.61 -11.99
C VAL A 31 -1.59 -3.63 -12.61
N ASP A 32 -1.27 -3.83 -13.90
CA ASP A 32 -0.67 -2.80 -14.70
C ASP A 32 -1.75 -1.82 -15.13
N ILE A 33 -1.45 -0.51 -14.99
CA ILE A 33 -2.34 0.57 -15.40
C ILE A 33 -1.85 0.99 -16.76
N ASP A 34 -2.66 0.69 -17.78
N ASP A 34 -2.61 0.60 -17.78
CA ASP A 34 -2.36 1.10 -19.12
CA ASP A 34 -2.33 1.06 -19.10
C ASP A 34 -2.97 2.47 -19.35
C ASP A 34 -2.96 2.44 -19.28
N THR A 35 -2.14 3.48 -19.35
CA THR A 35 -2.63 4.82 -19.31
C THR A 35 -3.41 5.21 -20.51
N HIS A 36 -3.14 4.56 -21.62
CA HIS A 36 -3.86 4.86 -22.84
C HIS A 36 -5.25 4.25 -22.92
N THR A 37 -5.49 3.19 -22.16
CA THR A 37 -6.78 2.66 -22.14
C THR A 37 -7.63 2.95 -20.94
N ALA A 38 -7.08 3.56 -19.92
CA ALA A 38 -7.87 3.98 -18.78
C ALA A 38 -8.69 5.18 -19.25
N LYS A 39 -9.95 5.08 -19.05
CA LYS A 39 -10.80 6.18 -19.64
C LYS A 39 -11.08 7.20 -18.54
N TYR A 40 -10.97 8.46 -18.89
CA TYR A 40 -11.42 9.57 -18.08
C TYR A 40 -12.91 9.42 -17.81
N ASP A 41 -13.26 9.52 -16.55
CA ASP A 41 -14.64 9.39 -16.17
C ASP A 41 -15.06 10.70 -15.51
N PRO A 42 -15.81 11.55 -16.22
CA PRO A 42 -16.19 12.87 -15.63
C PRO A 42 -17.13 12.76 -14.43
N SER A 43 -17.68 11.55 -14.29
CA SER A 43 -18.58 11.35 -13.12
C SER A 43 -17.79 11.08 -11.85
N LEU A 44 -16.49 10.83 -11.90
CA LEU A 44 -15.70 10.63 -10.67
C LEU A 44 -15.53 11.94 -9.99
N LYS A 45 -15.56 11.87 -8.66
CA LYS A 45 -15.32 13.07 -7.83
C LYS A 45 -13.89 13.20 -7.42
N PRO A 46 -13.62 14.50 -6.96
CA PRO A 46 -12.36 14.66 -6.26
C PRO A 46 -12.38 13.81 -5.04
N LEU A 47 -11.18 13.31 -4.80
CA LEU A 47 -11.01 12.54 -3.59
CA LEU A 47 -10.94 12.49 -3.69
C LEU A 47 -10.99 13.45 -2.42
N SER A 48 -11.53 13.02 -1.27
CA SER A 48 -11.47 13.78 -0.04
C SER A 48 -10.70 12.95 0.97
N VAL A 49 -9.54 13.47 1.30
CA VAL A 49 -8.61 12.85 2.22
C VAL A 49 -8.61 13.76 3.43
N SER A 50 -9.13 13.28 4.52
CA SER A 50 -9.25 14.12 5.73
C SER A 50 -8.49 13.48 6.87
N TYR A 51 -7.23 13.86 6.98
CA TYR A 51 -6.35 13.28 7.94
C TYR A 51 -5.90 14.24 9.03
N ASP A 52 -6.55 15.39 9.17
CA ASP A 52 -6.16 16.34 10.23
C ASP A 52 -6.25 15.81 11.64
N GLN A 53 -7.17 14.89 11.90
CA GLN A 53 -7.21 14.24 13.27
C GLN A 53 -6.66 12.84 13.37
N ALA A 54 -5.89 12.40 12.41
CA ALA A 54 -5.37 11.06 12.48
C ALA A 54 -4.51 10.89 13.68
N THR A 55 -4.64 9.73 14.35
CA THR A 55 -3.95 9.41 15.55
C THR A 55 -3.21 8.11 15.40
N SER A 56 -1.94 8.28 15.07
CA SER A 56 -1.11 7.13 14.92
C SER A 56 -0.79 6.70 16.32
N LEU A 57 -0.67 5.40 16.40
CA LEU A 57 -0.25 4.80 17.71
C LEU A 57 1.00 4.03 17.72
N ARG A 58 1.33 3.27 16.70
CA ARG A 58 2.38 2.28 16.85
C ARG A 58 2.85 1.91 15.49
N ILE A 59 4.10 1.34 15.43
CA ILE A 59 4.66 0.80 14.16
C ILE A 59 5.00 -0.58 14.46
N LEU A 60 4.76 -1.52 13.59
CA LEU A 60 4.87 -2.88 13.66
C LEU A 60 5.65 -3.59 12.52
N ASN A 61 6.71 -4.42 12.77
CA ASN A 61 7.28 -5.34 11.74
C ASN A 61 6.57 -6.62 11.76
N ASN A 62 5.70 -6.88 10.81
CA ASN A 62 4.88 -8.05 10.83
C ASN A 62 5.48 -9.21 10.12
N GLY A 63 6.76 -9.09 9.68
CA GLY A 63 7.40 -10.11 9.00
C GLY A 63 7.28 -10.03 7.40
N HIS A 64 6.32 -9.32 6.91
N HIS A 64 6.47 -9.14 6.95
CA HIS A 64 6.30 -9.03 5.49
CA HIS A 64 6.15 -8.92 5.49
C HIS A 64 6.65 -7.58 5.18
C HIS A 64 6.31 -7.48 5.08
N ALA A 65 6.19 -6.61 6.01
CA ALA A 65 6.39 -5.20 5.83
C ALA A 65 6.40 -4.55 7.22
N PHE A 66 6.33 -3.25 7.31
CA PHE A 66 5.99 -2.65 8.55
C PHE A 66 4.69 -1.84 8.42
N ASN A 67 3.88 -1.93 9.44
CA ASN A 67 2.62 -1.24 9.47
C ASN A 67 2.58 0.02 10.39
N VAL A 68 2.31 1.25 10.00
CA VAL A 68 2.02 2.41 10.84
C VAL A 68 0.52 2.39 11.20
N GLU A 69 0.22 2.16 12.48
CA GLU A 69 -1.19 1.86 12.88
C GLU A 69 -1.87 3.05 13.48
N PHE A 70 -3.17 3.13 13.25
CA PHE A 70 -3.93 4.24 13.70
C PHE A 70 -5.03 3.85 14.66
N ASP A 71 -5.45 4.74 15.49
CA ASP A 71 -6.64 4.51 16.29
C ASP A 71 -7.81 4.78 15.36
N ASP A 72 -8.48 3.71 15.03
CA ASP A 72 -9.68 3.72 14.17
C ASP A 72 -10.97 3.52 14.96
N SER A 73 -10.99 3.91 16.26
CA SER A 73 -12.15 3.74 17.12
C SER A 73 -13.11 4.95 17.04
N GLN A 74 -12.70 5.98 16.32
CA GLN A 74 -13.64 7.05 15.93
C GLN A 74 -13.38 7.52 14.52
N ASP A 75 -14.21 8.47 13.93
CA ASP A 75 -14.03 8.94 12.50
C ASP A 75 -13.14 10.12 12.75
N LYS A 76 -11.94 9.72 12.66
CA LYS A 76 -10.78 10.66 12.77
C LYS A 76 -9.85 10.96 11.62
N ALA A 77 -9.70 10.06 10.79
CA ALA A 77 -8.91 10.06 9.51
C ALA A 77 -9.70 9.31 8.46
N VAL A 78 -10.38 9.96 7.58
CA VAL A 78 -11.31 9.32 6.68
C VAL A 78 -11.06 9.69 5.23
N LEU A 79 -11.33 8.72 4.40
CA LEU A 79 -11.33 8.88 2.97
C LEU A 79 -12.73 8.78 2.45
N LYS A 80 -13.11 9.68 1.59
CA LYS A 80 -14.48 9.76 1.03
C LYS A 80 -14.36 10.31 -0.35
N GLY A 81 -15.49 10.35 -1.03
CA GLY A 81 -15.47 10.96 -2.41
C GLY A 81 -14.72 10.12 -3.35
N GLY A 82 -14.21 10.72 -4.38
CA GLY A 82 -13.56 9.95 -5.40
C GLY A 82 -14.57 9.03 -6.03
N PRO A 83 -14.27 7.71 -6.17
CA PRO A 83 -15.18 6.71 -6.65
C PRO A 83 -16.10 6.14 -5.50
N LEU A 84 -15.91 6.56 -4.29
CA LEU A 84 -16.47 5.89 -3.16
C LEU A 84 -17.90 6.36 -2.85
N ASP A 85 -18.70 5.55 -2.23
CA ASP A 85 -19.97 5.88 -1.60
C ASP A 85 -19.60 5.72 -0.07
N GLY A 86 -19.97 6.64 0.75
CA GLY A 86 -19.75 6.51 2.07
C GLY A 86 -18.30 6.79 2.53
N THR A 87 -18.03 6.39 3.75
CA THR A 87 -16.92 6.89 4.57
C THR A 87 -16.05 5.72 4.93
N TYR A 88 -14.75 5.90 4.75
CA TYR A 88 -13.79 4.85 4.96
C TYR A 88 -12.70 5.37 5.94
N ARG A 89 -12.52 4.61 7.01
CA ARG A 89 -11.64 5.05 8.13
C ARG A 89 -10.27 4.46 7.98
N LEU A 90 -9.24 5.28 8.15
CA LEU A 90 -7.87 4.85 8.11
C LEU A 90 -7.56 3.89 9.24
N ILE A 91 -6.99 2.73 8.92
CA ILE A 91 -6.52 1.78 9.98
C ILE A 91 -5.02 1.63 9.96
N GLN A 92 -4.35 1.63 8.81
CA GLN A 92 -2.88 1.47 8.80
C GLN A 92 -2.37 1.87 7.49
N PHE A 93 -1.08 2.13 7.44
CA PHE A 93 -0.36 2.23 6.17
C PHE A 93 0.87 1.34 6.23
N HIS A 94 1.31 0.96 5.05
CA HIS A 94 2.53 0.22 4.90
C HIS A 94 3.06 0.42 3.52
N PHE A 95 4.25 -0.13 3.24
CA PHE A 95 4.87 0.01 1.96
C PHE A 95 5.26 -1.38 1.39
N HIS A 96 5.53 -1.34 0.09
CA HIS A 96 6.20 -2.41 -0.60
C HIS A 96 7.40 -1.83 -1.32
N TRP A 97 8.54 -2.54 -1.35
CA TRP A 97 9.73 -1.97 -1.96
C TRP A 97 10.62 -3.04 -2.46
N GLY A 98 11.64 -2.61 -3.22
CA GLY A 98 12.52 -3.48 -3.93
C GLY A 98 13.85 -3.65 -3.30
N SER A 99 14.65 -4.56 -3.89
CA SER A 99 16.06 -4.68 -3.57
C SER A 99 16.88 -3.56 -4.23
N LEU A 100 16.38 -2.99 -5.33
CA LEU A 100 17.02 -1.96 -6.12
C LEU A 100 15.96 -1.01 -6.51
N ASP A 101 16.35 0.18 -6.99
CA ASP A 101 15.39 1.25 -7.22
C ASP A 101 14.46 0.95 -8.41
N GLY A 102 14.90 0.07 -9.31
CA GLY A 102 14.16 -0.36 -10.49
C GLY A 102 12.95 -1.29 -10.30
N GLN A 103 12.68 -1.68 -9.08
N GLN A 103 12.66 -1.60 -9.06
CA GLN A 103 11.49 -2.44 -8.81
CA GLN A 103 11.54 -2.46 -8.76
C GLN A 103 11.09 -2.18 -7.36
C GLN A 103 11.11 -2.20 -7.33
N GLY A 104 9.88 -2.60 -7.03
CA GLY A 104 9.34 -2.42 -5.70
C GLY A 104 7.87 -2.15 -5.66
N SER A 105 7.37 -1.41 -6.65
CA SER A 105 5.94 -1.15 -6.65
C SER A 105 5.17 -2.40 -7.04
N GLU A 106 3.91 -2.38 -6.63
CA GLU A 106 2.94 -3.44 -6.95
C GLU A 106 2.19 -3.08 -8.23
N HIS A 107 1.44 -1.99 -8.19
CA HIS A 107 0.97 -1.45 -9.44
C HIS A 107 2.11 -1.00 -10.29
N THR A 108 1.91 -1.04 -11.59
CA THR A 108 2.80 -0.51 -12.58
C THR A 108 2.03 0.43 -13.49
N VAL A 109 2.75 1.30 -14.18
CA VAL A 109 2.10 2.32 -15.04
C VAL A 109 2.70 2.13 -16.42
N ASP A 110 1.97 1.60 -17.39
CA ASP A 110 2.54 1.30 -18.67
C ASP A 110 3.81 0.41 -18.50
N LYS A 111 3.70 -0.55 -17.56
CA LYS A 111 4.76 -1.54 -17.24
C LYS A 111 5.92 -0.93 -16.44
N LYS A 112 5.91 0.36 -16.16
CA LYS A 112 6.94 0.98 -15.32
C LYS A 112 6.72 0.59 -13.85
N LYS A 113 7.82 0.13 -13.26
CA LYS A 113 7.85 -0.17 -11.86
C LYS A 113 8.52 1.00 -11.13
N TYR A 114 7.89 1.45 -10.04
CA TYR A 114 8.50 2.40 -9.14
C TYR A 114 9.30 1.71 -8.08
N ALA A 115 10.11 2.51 -7.37
CA ALA A 115 10.97 1.96 -6.31
C ALA A 115 10.20 1.42 -5.15
N ALA A 116 9.01 1.91 -4.90
CA ALA A 116 8.21 1.53 -3.78
C ALA A 116 6.79 1.97 -3.98
N GLU A 117 5.90 1.47 -3.14
CA GLU A 117 4.47 1.87 -3.16
C GLU A 117 3.98 1.88 -1.74
N LEU A 118 3.32 2.97 -1.40
CA LEU A 118 2.68 3.18 -0.12
C LEU A 118 1.16 2.88 -0.27
N HIS A 119 0.65 2.10 0.69
CA HIS A 119 -0.72 1.76 0.78
C HIS A 119 -1.32 2.25 2.05
N LEU A 120 -2.27 3.19 1.97
CA LEU A 120 -3.05 3.63 3.08
C LEU A 120 -4.37 2.90 3.06
N VAL A 121 -4.62 2.11 4.08
CA VAL A 121 -5.74 1.22 4.09
C VAL A 121 -6.89 1.74 4.95
N HIS A 122 -8.06 1.75 4.38
CA HIS A 122 -9.25 2.27 5.02
C HIS A 122 -10.39 1.32 4.89
N TRP A 123 -11.21 1.23 5.91
CA TRP A 123 -12.39 0.31 5.92
C TRP A 123 -13.68 1.11 5.97
N ASN A 124 -14.69 0.53 5.30
CA ASN A 124 -15.99 1.18 5.15
C ASN A 124 -16.76 1.09 6.48
N THR A 125 -17.08 2.27 7.01
CA THR A 125 -17.65 2.33 8.30
C THR A 125 -19.03 1.63 8.35
N LYS A 126 -19.67 1.44 7.16
CA LYS A 126 -20.97 0.81 7.22
C LYS A 126 -20.89 -0.65 7.69
N TYR A 127 -19.69 -1.24 7.75
CA TYR A 127 -19.55 -2.64 8.17
C TYR A 127 -19.01 -2.73 9.59
N GLY A 128 -18.77 -1.59 10.25
CA GLY A 128 -18.54 -1.60 11.67
C GLY A 128 -17.13 -1.90 12.10
N ASP A 129 -16.43 -2.91 11.55
CA ASP A 129 -15.01 -3.19 11.88
C ASP A 129 -14.31 -3.71 10.64
N PHE A 130 -13.01 -3.71 10.73
CA PHE A 130 -12.18 -4.15 9.60
C PHE A 130 -12.46 -5.60 9.19
N GLY A 131 -12.57 -6.49 10.21
CA GLY A 131 -12.75 -7.87 9.89
C GLY A 131 -14.06 -8.16 9.15
N LYS A 132 -15.11 -7.45 9.44
CA LYS A 132 -16.36 -7.55 8.70
C LYS A 132 -16.23 -6.90 7.35
N ALA A 133 -15.54 -5.76 7.27
CA ALA A 133 -15.40 -5.09 5.98
C ALA A 133 -14.69 -5.92 4.96
N VAL A 134 -13.65 -6.68 5.33
CA VAL A 134 -12.93 -7.43 4.33
C VAL A 134 -13.75 -8.55 3.69
N GLN A 135 -14.91 -8.82 4.29
CA GLN A 135 -15.81 -9.82 3.71
C GLN A 135 -16.76 -9.25 2.67
N GLN A 136 -16.59 -7.99 2.35
CA GLN A 136 -17.57 -7.30 1.46
C GLN A 136 -16.86 -6.76 0.25
N PRO A 137 -17.53 -6.69 -0.91
CA PRO A 137 -16.83 -6.25 -2.11
C PRO A 137 -16.46 -4.77 -2.09
N ASP A 138 -17.18 -4.00 -1.28
CA ASP A 138 -16.89 -2.59 -1.10
C ASP A 138 -16.45 -2.33 0.31
N GLY A 139 -15.71 -3.25 0.91
CA GLY A 139 -15.32 -3.11 2.29
C GLY A 139 -14.13 -2.21 2.57
N LEU A 140 -13.19 -2.14 1.64
CA LEU A 140 -11.94 -1.38 1.84
C LEU A 140 -11.74 -0.44 0.71
N ALA A 141 -11.04 0.69 1.05
CA ALA A 141 -10.50 1.59 0.04
C ALA A 141 -9.04 1.72 0.36
N VAL A 142 -8.19 1.41 -0.62
CA VAL A 142 -6.77 1.53 -0.44
C VAL A 142 -6.27 2.60 -1.36
N LEU A 143 -5.59 3.60 -0.76
CA LEU A 143 -4.96 4.66 -1.50
C LEU A 143 -3.52 4.27 -1.71
N GLY A 144 -3.15 4.14 -2.99
CA GLY A 144 -1.80 3.75 -3.36
C GLY A 144 -1.04 4.93 -3.93
N ILE A 145 0.19 5.04 -3.46
CA ILE A 145 1.03 6.19 -3.81
C ILE A 145 2.40 5.63 -4.17
N PHE A 146 2.86 5.96 -5.37
CA PHE A 146 4.20 5.50 -5.82
C PHE A 146 5.27 6.33 -5.20
N LEU A 147 6.44 5.71 -4.99
CA LEU A 147 7.65 6.35 -4.55
C LEU A 147 8.71 6.21 -5.63
N LYS A 148 9.36 7.31 -5.96
CA LYS A 148 10.53 7.35 -6.75
C LYS A 148 11.70 7.87 -5.93
N VAL A 149 12.90 7.57 -6.29
CA VAL A 149 14.12 7.98 -5.57
C VAL A 149 14.64 9.29 -6.17
N GLY A 150 14.77 10.26 -5.31
CA GLY A 150 15.33 11.57 -5.69
C GLY A 150 15.53 12.35 -4.44
N SER A 151 14.83 13.46 -4.31
N SER A 151 14.87 13.48 -4.33
CA SER A 151 14.79 14.28 -3.10
CA SER A 151 14.89 14.32 -3.12
C SER A 151 14.21 13.53 -1.93
C SER A 151 14.23 13.58 -1.96
N ALA A 152 14.71 13.81 -0.73
CA ALA A 152 14.12 13.25 0.42
C ALA A 152 12.70 13.78 0.69
N LYS A 153 11.87 12.94 1.34
CA LYS A 153 10.56 13.31 1.76
C LYS A 153 10.65 13.62 3.24
N PRO A 154 10.64 14.94 3.61
CA PRO A 154 10.85 15.23 5.00
C PRO A 154 9.86 14.53 5.93
N GLY A 155 8.60 14.38 5.46
CA GLY A 155 7.57 13.77 6.19
C GLY A 155 7.65 12.28 6.44
N LEU A 156 8.59 11.63 5.75
CA LEU A 156 8.83 10.21 5.90
C LEU A 156 9.91 9.92 7.00
N GLN A 157 10.66 10.96 7.34
CA GLN A 157 11.94 10.72 8.05
C GLN A 157 11.61 10.12 9.41
N LYS A 158 10.56 10.54 10.08
CA LYS A 158 10.12 9.98 11.39
C LYS A 158 9.92 8.48 11.35
N VAL A 159 9.35 8.02 10.22
CA VAL A 159 9.20 6.58 10.00
C VAL A 159 10.54 5.88 9.81
N VAL A 160 11.38 6.41 8.97
CA VAL A 160 12.71 5.82 8.72
C VAL A 160 13.50 5.71 10.00
N ASP A 161 13.46 6.73 10.82
N ASP A 161 13.42 6.81 10.81
CA ASP A 161 14.35 6.72 11.96
CA ASP A 161 14.13 6.92 12.13
C ASP A 161 13.89 5.70 13.05
C ASP A 161 13.86 5.76 13.06
N VAL A 162 12.63 5.24 13.07
CA VAL A 162 12.14 4.27 14.04
C VAL A 162 12.43 2.79 13.61
N LEU A 163 12.83 2.63 12.33
CA LEU A 163 12.96 1.29 11.80
C LEU A 163 14.05 0.37 12.48
N ASP A 164 15.12 1.04 12.92
CA ASP A 164 16.15 0.34 13.67
C ASP A 164 15.61 -0.37 14.92
N SER A 165 14.50 0.15 15.44
CA SER A 165 13.92 -0.45 16.64
C SER A 165 12.94 -1.57 16.40
N ILE A 166 12.64 -1.82 15.10
CA ILE A 166 11.75 -2.89 14.68
C ILE A 166 12.32 -3.74 13.60
N LYS A 167 13.62 -4.09 13.77
CA LYS A 167 14.35 -4.69 12.72
C LYS A 167 13.73 -6.02 12.25
N THR A 168 13.29 -6.76 13.24
CA THR A 168 12.90 -8.10 13.00
C THR A 168 11.36 -8.35 13.36
N LYS A 169 10.98 -9.41 12.67
CA LYS A 169 9.52 -9.82 12.70
C LYS A 169 8.95 -9.97 14.11
N GLY A 170 7.86 -9.24 14.35
CA GLY A 170 7.23 -9.23 15.66
C GLY A 170 7.62 -8.16 16.59
N LYS A 171 8.65 -7.41 16.26
CA LYS A 171 8.90 -6.14 16.94
C LYS A 171 7.94 -5.02 16.70
N SER A 172 7.47 -4.33 17.65
CA SER A 172 6.72 -3.06 17.58
C SER A 172 7.29 -1.96 18.31
N ALA A 173 6.90 -0.73 18.14
CA ALA A 173 7.32 0.42 18.92
C ALA A 173 6.25 1.52 18.92
N ASP A 174 6.11 2.16 20.02
CA ASP A 174 5.24 3.35 20.08
C ASP A 174 5.55 4.26 18.94
N PHE A 175 4.45 4.79 18.35
CA PHE A 175 4.62 5.69 17.20
C PHE A 175 3.42 6.54 17.13
N THR A 176 3.43 7.49 18.02
CA THR A 176 2.38 8.40 18.15
C THR A 176 2.64 9.66 17.43
N ASN A 177 1.58 10.38 17.11
CA ASN A 177 1.63 11.74 16.56
C ASN A 177 2.28 11.84 15.18
N PHE A 178 2.21 10.75 14.44
CA PHE A 178 2.75 10.87 13.10
C PHE A 178 1.67 11.30 12.12
N ASP A 179 1.93 12.26 11.28
CA ASP A 179 0.92 12.86 10.44
C ASP A 179 1.09 12.32 9.00
N PRO A 180 0.17 11.47 8.54
CA PRO A 180 0.31 10.93 7.20
C PRO A 180 0.10 11.89 6.11
N ARG A 181 -0.34 13.10 6.39
CA ARG A 181 -0.41 14.15 5.32
C ARG A 181 0.92 14.39 4.76
N GLY A 182 2.01 14.18 5.53
CA GLY A 182 3.33 14.37 5.03
C GLY A 182 3.81 13.43 3.99
N LEU A 183 3.00 12.39 3.65
CA LEU A 183 3.33 11.39 2.67
C LEU A 183 2.59 11.59 1.36
N LEU A 184 1.76 12.62 1.27
CA LEU A 184 0.91 12.75 0.10
C LEU A 184 1.57 13.67 -0.98
N PRO A 185 1.32 13.42 -2.23
CA PRO A 185 1.82 14.27 -3.30
C PRO A 185 0.92 15.51 -3.42
N GLU A 186 1.31 16.43 -4.23
CA GLU A 186 0.54 17.64 -4.43
C GLU A 186 -0.82 17.34 -5.08
N SER A 187 -0.84 16.53 -6.15
CA SER A 187 -2.08 16.25 -6.83
C SER A 187 -2.76 15.02 -6.26
N LEU A 188 -4.07 15.07 -6.27
CA LEU A 188 -4.90 13.90 -5.94
C LEU A 188 -5.50 13.28 -7.19
N ASP A 189 -4.98 13.56 -8.39
CA ASP A 189 -5.41 12.83 -9.59
C ASP A 189 -5.19 11.32 -9.38
N TYR A 190 -6.10 10.52 -9.86
CA TYR A 190 -6.03 9.10 -9.57
C TYR A 190 -6.60 8.27 -10.69
N TRP A 191 -6.22 7.01 -10.62
CA TRP A 191 -6.89 5.90 -11.32
C TRP A 191 -7.61 5.05 -10.27
N THR A 192 -8.72 4.43 -10.68
CA THR A 192 -9.45 3.57 -9.77
C THR A 192 -9.95 2.33 -10.47
N TYR A 193 -10.00 1.22 -9.74
CA TYR A 193 -10.50 0.00 -10.24
C TYR A 193 -10.84 -0.91 -9.05
N PRO A 194 -11.68 -1.97 -9.27
CA PRO A 194 -12.01 -2.89 -8.19
C PRO A 194 -11.01 -3.99 -8.09
N GLY A 195 -10.52 -4.30 -6.89
CA GLY A 195 -9.51 -5.34 -6.79
C GLY A 195 -9.53 -5.95 -5.39
N SER A 196 -8.29 -6.29 -4.98
CA SER A 196 -8.09 -7.18 -3.85
C SER A 196 -7.01 -6.67 -2.91
N LEU A 197 -6.95 -7.30 -1.73
CA LEU A 197 -5.73 -7.21 -0.94
C LEU A 197 -4.59 -7.80 -1.78
N THR A 198 -3.38 -7.30 -1.57
CA THR A 198 -2.23 -7.80 -2.32
C THR A 198 -1.40 -8.78 -1.54
N THR A 199 -1.78 -9.05 -0.28
CA THR A 199 -1.18 -10.13 0.51
C THR A 199 -2.29 -11.06 0.90
N PRO A 200 -1.94 -12.33 1.16
CA PRO A 200 -2.94 -13.25 1.72
C PRO A 200 -3.68 -12.64 2.93
N PRO A 201 -4.99 -12.78 2.97
CA PRO A 201 -5.80 -13.73 2.23
C PRO A 201 -6.29 -13.27 0.84
N LEU A 202 -5.81 -12.14 0.33
CA LEU A 202 -6.08 -11.77 -1.08
C LEU A 202 -7.56 -11.54 -1.38
N LEU A 203 -8.30 -11.10 -0.35
CA LEU A 203 -9.72 -10.95 -0.44
C LEU A 203 -10.09 -9.84 -1.41
N GLU A 204 -11.16 -10.09 -2.17
CA GLU A 204 -11.56 -9.23 -3.26
C GLU A 204 -12.58 -8.17 -2.71
N CYS A 205 -12.03 -7.27 -1.90
CA CYS A 205 -12.79 -6.35 -1.07
C CYS A 205 -12.38 -4.91 -1.22
N VAL A 206 -11.55 -4.60 -2.22
CA VAL A 206 -10.89 -3.30 -2.25
C VAL A 206 -11.35 -2.46 -3.46
N THR A 207 -11.72 -1.21 -3.20
CA THR A 207 -11.71 -0.20 -4.26
C THR A 207 -10.31 0.43 -4.20
N TRP A 208 -9.55 0.24 -5.27
CA TRP A 208 -8.22 0.83 -5.37
C TRP A 208 -8.31 2.22 -5.89
N ILE A 209 -7.51 3.10 -5.30
CA ILE A 209 -7.38 4.49 -5.75
C ILE A 209 -5.87 4.73 -5.79
N VAL A 210 -5.33 4.78 -7.01
CA VAL A 210 -3.88 4.90 -7.21
C VAL A 210 -3.58 6.30 -7.72
N LEU A 211 -2.80 7.04 -6.94
CA LEU A 211 -2.49 8.39 -7.33
C LEU A 211 -1.52 8.41 -8.54
N LYS A 212 -1.70 9.32 -9.47
CA LYS A 212 -0.80 9.46 -10.58
C LYS A 212 0.53 10.01 -10.23
N GLU A 213 0.56 10.98 -9.30
N GLU A 213 0.56 10.95 -9.27
CA GLU A 213 1.81 11.69 -9.00
CA GLU A 213 1.80 11.67 -8.93
C GLU A 213 2.55 10.92 -7.92
C GLU A 213 2.57 10.90 -7.88
N PRO A 214 3.79 10.45 -8.18
CA PRO A 214 4.61 9.84 -7.15
C PRO A 214 5.12 10.87 -6.16
N ILE A 215 5.48 10.37 -4.97
CA ILE A 215 6.32 11.12 -4.10
C ILE A 215 7.76 10.79 -4.31
N SER A 216 8.66 11.69 -3.99
CA SER A 216 10.07 11.47 -4.03
CA SER A 216 10.07 11.38 -4.03
C SER A 216 10.60 11.18 -2.66
N VAL A 217 11.39 10.15 -2.52
CA VAL A 217 12.16 9.88 -1.28
C VAL A 217 13.59 9.76 -1.61
N SER A 218 14.49 9.90 -0.64
CA SER A 218 15.85 9.82 -0.99
C SER A 218 16.38 8.39 -0.98
N SER A 219 17.51 8.21 -1.62
CA SER A 219 18.15 6.88 -1.67
CA SER A 219 18.18 6.91 -1.67
C SER A 219 18.40 6.42 -0.24
N GLU A 220 18.85 7.35 0.62
CA GLU A 220 19.12 7.04 2.01
C GLU A 220 17.88 6.52 2.74
N GLN A 221 16.75 7.15 2.47
CA GLN A 221 15.51 6.70 3.06
C GLN A 221 15.13 5.24 2.66
N VAL A 222 15.14 5.01 1.37
CA VAL A 222 14.81 3.65 0.92
CA VAL A 222 14.78 3.66 0.94
C VAL A 222 15.84 2.63 1.34
N LEU A 223 17.10 3.00 1.42
CA LEU A 223 18.09 2.12 1.92
C LEU A 223 17.81 1.63 3.36
N LYS A 224 17.19 2.48 4.16
CA LYS A 224 16.84 2.09 5.50
C LYS A 224 15.66 1.12 5.51
N PHE A 225 14.72 1.23 4.56
CA PHE A 225 13.71 0.18 4.45
C PHE A 225 14.38 -1.16 4.19
N ARG A 226 15.43 -1.17 3.35
CA ARG A 226 16.05 -2.43 2.94
C ARG A 226 16.96 -3.05 4.00
N LYS A 227 17.11 -2.38 5.13
CA LYS A 227 17.86 -2.95 6.23
C LYS A 227 16.96 -3.73 7.20
N LEU A 228 15.61 -3.62 7.04
CA LEU A 228 14.70 -4.44 7.81
C LEU A 228 14.91 -5.90 7.48
N ASN A 229 14.37 -6.73 8.34
CA ASN A 229 14.49 -8.20 8.19
C ASN A 229 13.08 -8.83 8.13
N PHE A 230 13.01 -9.85 7.25
CA PHE A 230 11.84 -10.71 7.27
C PHE A 230 11.82 -11.67 8.44
N ASN A 231 13.01 -12.13 8.82
CA ASN A 231 13.16 -13.07 9.95
C ASN A 231 12.95 -12.36 11.28
N GLY A 232 12.66 -13.28 12.27
CA GLY A 232 12.64 -12.92 13.67
C GLY A 232 14.03 -12.71 14.34
N GLU A 233 14.07 -12.03 15.50
CA GLU A 233 15.29 -11.89 16.32
C GLU A 233 16.02 -13.19 16.34
N GLY A 234 17.33 -13.00 16.12
CA GLY A 234 18.21 -14.02 16.21
C GLY A 234 18.08 -15.16 15.30
N GLU A 235 17.37 -15.05 14.21
CA GLU A 235 17.30 -16.11 13.21
C GLU A 235 18.24 -15.73 11.99
N PRO A 236 18.41 -16.58 10.99
CA PRO A 236 19.37 -16.23 9.88
C PRO A 236 18.84 -15.03 9.16
N GLU A 237 19.71 -14.07 8.85
CA GLU A 237 19.25 -12.81 8.38
C GLU A 237 18.83 -12.87 6.95
N GLU A 238 17.62 -12.44 6.65
N GLU A 238 17.56 -12.47 6.74
CA GLU A 238 17.19 -12.36 5.25
CA GLU A 238 16.90 -12.30 5.41
C GLU A 238 16.54 -10.94 5.17
C GLU A 238 16.51 -10.84 5.29
N LEU A 239 17.15 -10.09 4.39
CA LEU A 239 16.78 -8.72 4.29
C LEU A 239 15.31 -8.59 3.78
N MET A 240 14.54 -7.68 4.34
CA MET A 240 13.19 -7.38 3.89
C MET A 240 13.32 -6.47 2.65
N VAL A 241 13.30 -7.14 1.48
CA VAL A 241 13.32 -6.52 0.18
C VAL A 241 12.47 -7.35 -0.79
N ASP A 242 11.97 -6.66 -1.81
CA ASP A 242 11.16 -7.31 -2.83
C ASP A 242 9.90 -7.97 -2.23
N ASN A 243 9.25 -7.20 -1.36
CA ASN A 243 8.02 -7.63 -0.74
C ASN A 243 6.77 -7.11 -1.47
N TRP A 244 6.84 -7.26 -2.80
CA TRP A 244 5.77 -6.86 -3.72
C TRP A 244 5.23 -8.04 -4.51
N ARG A 245 3.95 -8.02 -4.70
CA ARG A 245 3.24 -8.99 -5.61
C ARG A 245 3.29 -8.37 -7.00
N PRO A 246 3.59 -9.15 -8.01
CA PRO A 246 3.56 -8.62 -9.38
C PRO A 246 2.13 -8.40 -9.88
N ALA A 247 2.05 -7.65 -11.02
CA ALA A 247 0.75 -7.39 -11.64
C ALA A 247 0.03 -8.64 -12.01
N GLN A 248 -1.29 -8.67 -11.78
CA GLN A 248 -2.16 -9.77 -12.06
C GLN A 248 -3.07 -9.44 -13.22
N PRO A 249 -3.71 -10.48 -13.80
CA PRO A 249 -4.55 -10.24 -14.98
C PRO A 249 -5.70 -9.31 -14.70
N LEU A 250 -5.92 -8.36 -15.58
CA LEU A 250 -7.02 -7.39 -15.41
C LEU A 250 -8.37 -8.05 -15.56
N LYS A 251 -8.51 -9.07 -16.40
CA LYS A 251 -9.79 -9.76 -16.61
C LYS A 251 -10.90 -8.80 -17.00
N ASN A 252 -12.05 -8.90 -16.43
CA ASN A 252 -13.11 -8.14 -16.86
C ASN A 252 -13.26 -6.87 -16.09
N ARG A 253 -12.11 -5.97 -16.06
CA ARG A 253 -12.15 -4.75 -15.34
C ARG A 253 -11.79 -3.58 -16.17
N GLN A 254 -12.36 -2.46 -15.78
CA GLN A 254 -12.03 -1.19 -16.36
C GLN A 254 -11.31 -0.36 -15.33
N ILE A 255 -10.23 0.27 -15.68
CA ILE A 255 -9.54 1.24 -14.91
C ILE A 255 -10.03 2.64 -15.35
N LYS A 256 -10.45 3.44 -14.43
CA LYS A 256 -11.00 4.76 -14.70
C LYS A 256 -10.04 5.83 -14.20
N ALA A 257 -9.92 6.90 -14.92
CA ALA A 257 -9.11 8.02 -14.57
C ALA A 257 -9.96 9.18 -14.13
N SER A 258 -9.50 9.90 -13.10
CA SER A 258 -10.20 11.03 -12.55
C SER A 258 -9.91 12.29 -13.31
N PHE A 259 -8.95 12.22 -14.23
CA PHE A 259 -8.32 13.37 -14.87
C PHE A 259 -8.24 13.19 -16.35
N LYS A 260 -8.22 14.31 -17.04
CA LYS A 260 -8.12 14.35 -18.51
C LYS A 260 -6.69 14.20 -18.99
ZN ZN B . 0.15 -3.19 0.40
C1 MNP C . -2.36 -8.86 5.82
C2 MNP C . -3.69 -8.87 5.12
C1' MNP C . -3.98 -7.42 4.85
C2' MNP C . -3.75 -6.82 3.60
C3' MNP C . -3.96 -5.45 3.29
N3' MNP C . -3.78 -4.97 1.96
O3' MNP C . -3.74 -3.69 1.75
O4' MNP C . -3.56 -5.69 0.98
C4' MNP C . -4.42 -4.66 4.33
C5' MNP C . -4.72 -5.17 5.59
C6' MNP C . -4.45 -6.46 5.81
O1 MNP C . -2.21 -8.67 7.09
O2 MNP C . -1.39 -9.01 5.06
#